data_9DAR
#
_entry.id   9DAR
#
_cell.length_a   68.076
_cell.length_b   68.076
_cell.length_c   212.602
_cell.angle_alpha   90.00
_cell.angle_beta   90.00
_cell.angle_gamma   120.00
#
_symmetry.space_group_name_H-M   'P 61 2 2'
#
loop_
_entity.id
_entity.type
_entity.pdbx_description
1 polymer 'Dihydrofolate reductase'
2 non-polymer 1-(4-chlorophenyl)-6,6-dimethyl-1,6-dihydro-1,3,5-triazine-2,4-diamine
3 non-polymer 'CITRATE ANION'
4 water water
#
_entity_poly.entity_id   1
_entity_poly.type   'polypeptide(L)'
_entity_poly.pdbx_seq_one_letter_code
;SHMISLIAALAVDRVIGMENAMPWNLPADLAWFKRNTLNKPVIMGRHTWESIGRPLPGRKNIILSSQPGTDDRVTWVKSV
DEAIAACGDVPEIMVIGGGRVYEQFLPKAQKLYLTHIDAEVEGDTHFPDYEPDDWESVFSEFHDADAQNSHSYCFEILER
R
;
_entity_poly.pdbx_strand_id   A
#
loop_
_chem_comp.id
_chem_comp.type
_chem_comp.name
_chem_comp.formula
1CY non-polymer 1-(4-chlorophenyl)-6,6-dimethyl-1,6-dihydro-1,3,5-triazine-2,4-diamine 'C11 H14 Cl N5'
FLC non-polymer 'CITRATE ANION' 'C6 H5 O7 -3'
#
# COMPACT_ATOMS: atom_id res chain seq x y z
N SER A 1 12.76 -5.94 13.65
CA SER A 1 12.40 -6.98 12.68
C SER A 1 10.89 -7.26 12.66
N HIS A 2 10.43 -7.94 11.62
CA HIS A 2 8.99 -8.09 11.37
C HIS A 2 8.32 -6.72 11.37
N MET A 3 9.06 -5.69 10.95
CA MET A 3 8.54 -4.33 10.94
C MET A 3 7.38 -4.19 9.94
N ILE A 4 6.32 -3.51 10.35
CA ILE A 4 5.14 -3.34 9.52
C ILE A 4 5.21 -1.99 8.81
N SER A 5 4.95 -2.00 7.49
CA SER A 5 4.98 -0.82 6.66
C SER A 5 3.70 -0.74 5.84
N LEU A 6 3.24 0.48 5.61
CA LEU A 6 2.09 0.75 4.75
C LEU A 6 2.61 1.47 3.50
N ILE A 7 2.15 1.04 2.32
CA ILE A 7 2.49 1.73 1.08
C ILE A 7 1.22 2.06 0.30
N ALA A 8 1.00 3.35 0.02
CA ALA A 8 -0.25 3.81 -0.59
C ALA A 8 0.00 4.95 -1.57
N ALA A 9 -0.90 5.09 -2.54
CA ALA A 9 -0.95 6.24 -3.44
C ALA A 9 -2.14 7.08 -3.06
N LEU A 10 -1.91 8.37 -2.83
CA LEU A 10 -2.93 9.26 -2.30
C LEU A 10 -3.17 10.39 -3.28
N ALA A 11 -4.43 10.71 -3.51
CA ALA A 11 -4.80 11.96 -4.17
C ALA A 11 -5.56 12.74 -3.12
N VAL A 12 -4.89 13.68 -2.44
CA VAL A 12 -5.54 14.51 -1.44
C VAL A 12 -6.19 13.67 -0.32
N ASP A 13 -5.44 12.71 0.21
CA ASP A 13 -5.89 11.82 1.29
CA ASP A 13 -5.84 11.77 1.27
C ASP A 13 -6.85 10.71 0.83
N ARG A 14 -7.24 10.66 -0.44
CA ARG A 14 -8.11 9.60 -0.91
C ARG A 14 -7.29 8.48 -1.56
N VAL A 15 -7.60 7.23 -1.21
CA VAL A 15 -6.75 6.09 -1.57
C VAL A 15 -7.02 5.65 -3.00
N ILE A 16 -5.93 5.49 -3.77
CA ILE A 16 -5.98 5.07 -5.17
C ILE A 16 -5.52 3.62 -5.27
N GLY A 17 -6.31 2.78 -5.93
CA GLY A 17 -5.97 1.40 -6.17
C GLY A 17 -5.98 1.08 -7.65
N MET A 18 -5.67 -0.18 -7.96
CA MET A 18 -5.68 -0.63 -9.35
C MET A 18 -7.05 -0.50 -9.97
N GLU A 19 -8.09 -0.27 -9.18
CA GLU A 19 -9.44 -0.16 -9.73
C GLU A 19 -9.57 1.07 -10.61
N ASN A 20 -8.77 2.10 -10.30
CA ASN A 20 -8.83 3.37 -11.08
C ASN A 20 -7.82 3.32 -12.23
N ALA A 21 -8.04 4.12 -13.27
CA ALA A 21 -7.12 4.20 -14.43
C ALA A 21 -5.81 4.89 -14.03
N MET A 22 -5.85 5.76 -13.03
CA MET A 22 -4.66 6.58 -12.70
C MET A 22 -3.43 5.74 -12.29
N PRO A 23 -3.52 4.65 -11.51
CA PRO A 23 -2.33 3.87 -11.20
C PRO A 23 -1.54 3.58 -12.48
N TRP A 24 -2.21 3.00 -13.47
CA TRP A 24 -1.57 2.70 -14.74
C TRP A 24 -1.12 3.98 -15.46
N ASN A 25 -1.77 5.11 -15.19
CA ASN A 25 -1.37 6.39 -15.77
C ASN A 25 -0.15 7.02 -15.07
N LEU A 26 0.32 6.44 -13.95
CA LEU A 26 1.57 6.84 -13.29
C LEU A 26 2.53 5.66 -13.19
N PRO A 27 3.17 5.28 -14.28
CA PRO A 27 4.22 4.27 -14.21
C PRO A 27 5.26 4.54 -13.15
N ALA A 28 5.61 5.81 -12.89
CA ALA A 28 6.66 6.08 -11.92
C ALA A 28 6.23 5.62 -10.53
N ASP A 29 4.95 5.75 -10.21
CA ASP A 29 4.45 5.23 -8.95
C ASP A 29 4.57 3.73 -8.90
N LEU A 30 4.27 3.06 -10.03
CA LEU A 30 4.39 1.61 -10.07
C LEU A 30 5.82 1.18 -9.85
N ALA A 31 6.77 1.87 -10.50
CA ALA A 31 8.16 1.52 -10.29
C ALA A 31 8.55 1.70 -8.83
N TRP A 32 8.06 2.77 -8.20
CA TRP A 32 8.30 2.99 -6.79
C TRP A 32 7.67 1.89 -5.95
N PHE A 33 6.44 1.48 -6.31
CA PHE A 33 5.82 0.36 -5.60
C PHE A 33 6.65 -0.91 -5.77
N LYS A 34 7.01 -1.26 -6.99
CA LYS A 34 7.83 -2.46 -7.19
C LYS A 34 9.15 -2.37 -6.44
N ARG A 35 9.83 -1.20 -6.53
CA ARG A 35 11.14 -1.06 -5.89
C ARG A 35 11.05 -1.32 -4.39
N ASN A 36 10.00 -0.83 -3.74
CA ASN A 36 9.91 -0.92 -2.28
C ASN A 36 9.19 -2.16 -1.78
N THR A 37 8.66 -3.01 -2.66
CA THR A 37 8.04 -4.25 -2.20
C THR A 37 8.72 -5.47 -2.78
N LEU A 38 9.77 -5.31 -3.57
CA LEU A 38 10.39 -6.47 -4.18
C LEU A 38 10.88 -7.43 -3.11
N ASN A 39 10.60 -8.73 -3.30
CA ASN A 39 11.06 -9.75 -2.36
C ASN A 39 10.61 -9.49 -0.93
N LYS A 40 9.50 -8.78 -0.77
CA LYS A 40 8.89 -8.59 0.52
C LYS A 40 7.49 -9.18 0.49
N PRO A 41 7.03 -9.82 1.57
CA PRO A 41 5.64 -10.29 1.61
C PRO A 41 4.69 -9.10 1.62
N VAL A 42 3.56 -9.25 0.91
CA VAL A 42 2.56 -8.19 0.81
C VAL A 42 1.25 -8.69 1.41
N ILE A 43 0.57 -7.81 2.14
CA ILE A 43 -0.74 -8.08 2.72
C ILE A 43 -1.73 -7.12 2.08
N MET A 44 -2.86 -7.67 1.62
CA MET A 44 -3.87 -6.87 0.93
C MET A 44 -5.23 -7.38 1.35
N GLY A 45 -6.26 -6.56 1.18
CA GLY A 45 -7.60 -7.01 1.51
C GLY A 45 -8.20 -7.76 0.35
N ARG A 46 -9.37 -8.36 0.60
CA ARG A 46 -10.01 -9.14 -0.46
C ARG A 46 -10.31 -8.30 -1.70
N HIS A 47 -10.79 -7.06 -1.51
CA HIS A 47 -11.11 -6.23 -2.67
C HIS A 47 -9.86 -5.88 -3.45
N THR A 48 -8.73 -5.65 -2.78
CA THR A 48 -7.52 -5.38 -3.54
C THR A 48 -7.10 -6.61 -4.33
N TRP A 49 -7.17 -7.78 -3.70
CA TRP A 49 -6.89 -9.02 -4.43
C TRP A 49 -7.78 -9.11 -5.67
N GLU A 50 -9.07 -8.83 -5.52
CA GLU A 50 -9.99 -9.01 -6.65
C GLU A 50 -9.68 -8.06 -7.80
N SER A 51 -8.95 -6.98 -7.55
CA SER A 51 -8.70 -6.05 -8.64
C SER A 51 -7.49 -6.43 -9.48
N ILE A 52 -6.76 -7.49 -9.12
CA ILE A 52 -5.62 -7.94 -9.90
C ILE A 52 -5.76 -9.40 -10.32
N GLY A 53 -6.28 -10.26 -9.43
CA GLY A 53 -6.63 -11.64 -9.74
C GLY A 53 -5.48 -12.60 -10.00
N ARG A 54 -4.24 -12.12 -9.97
CA ARG A 54 -2.96 -12.79 -10.13
C ARG A 54 -2.00 -12.33 -9.06
N PRO A 55 -1.29 -13.24 -8.39
CA PRO A 55 -0.33 -12.82 -7.35
C PRO A 55 0.68 -11.84 -7.90
N LEU A 56 1.08 -10.88 -7.08
CA LEU A 56 2.27 -10.11 -7.39
C LEU A 56 3.47 -11.06 -7.36
N PRO A 57 4.30 -11.08 -8.40
CA PRO A 57 5.33 -12.11 -8.50
C PRO A 57 6.50 -11.88 -7.55
N GLY A 58 7.16 -12.98 -7.20
CA GLY A 58 8.33 -12.89 -6.35
C GLY A 58 8.05 -12.35 -4.97
N ARG A 59 6.88 -12.68 -4.40
CA ARG A 59 6.51 -12.23 -3.08
C ARG A 59 5.48 -13.19 -2.50
N LYS A 60 5.55 -13.38 -1.19
CA LYS A 60 4.45 -14.04 -0.53
C LYS A 60 3.29 -13.06 -0.46
N ASN A 61 2.19 -13.45 -1.09
CA ASN A 61 0.91 -12.74 -1.19
C ASN A 61 -0.04 -13.28 -0.11
N ILE A 62 -0.36 -12.43 0.88
CA ILE A 62 -1.29 -12.73 1.96
C ILE A 62 -2.56 -11.89 1.81
N ILE A 63 -3.72 -12.55 1.83
CA ILE A 63 -5.02 -11.87 1.63
C ILE A 63 -5.77 -11.88 2.95
N LEU A 64 -6.02 -10.69 3.50
CA LEU A 64 -6.83 -10.59 4.72
C LEU A 64 -8.30 -10.57 4.30
N SER A 65 -9.05 -11.62 4.63
CA SER A 65 -10.38 -11.78 4.09
C SER A 65 -11.34 -12.25 5.15
N SER A 66 -12.56 -11.73 5.11
CA SER A 66 -13.64 -12.18 5.96
C SER A 66 -14.44 -13.32 5.34
N GLN A 67 -13.98 -13.86 4.23
CA GLN A 67 -14.66 -14.94 3.54
C GLN A 67 -13.64 -16.02 3.19
N PRO A 68 -14.10 -17.24 2.92
CA PRO A 68 -13.15 -18.32 2.67
C PRO A 68 -12.35 -18.05 1.40
N GLY A 69 -11.13 -18.58 1.35
CA GLY A 69 -10.27 -18.31 0.21
C GLY A 69 -10.79 -18.95 -1.06
N THR A 70 -10.39 -18.37 -2.21
CA THR A 70 -10.82 -18.86 -3.51
C THR A 70 -9.68 -19.08 -4.51
N ASP A 71 -8.43 -19.05 -4.06
CA ASP A 71 -7.28 -19.16 -4.96
C ASP A 71 -6.11 -19.73 -4.18
N ASP A 72 -5.59 -20.87 -4.62
CA ASP A 72 -4.59 -21.61 -3.83
C ASP A 72 -3.15 -21.17 -4.14
N ARG A 73 -2.96 -20.07 -4.85
CA ARG A 73 -1.66 -19.45 -5.07
C ARG A 73 -1.33 -18.38 -4.05
N VAL A 74 -2.23 -18.10 -3.11
CA VAL A 74 -2.04 -17.02 -2.15
C VAL A 74 -2.51 -17.54 -0.78
N THR A 75 -2.09 -16.86 0.27
CA THR A 75 -2.36 -17.32 1.63
C THR A 75 -3.52 -16.49 2.17
N TRP A 76 -4.60 -17.17 2.55
CA TRP A 76 -5.78 -16.50 3.07
C TRP A 76 -5.76 -16.52 4.59
N VAL A 77 -6.11 -15.38 5.20
CA VAL A 77 -6.11 -15.24 6.66
C VAL A 77 -7.32 -14.42 7.08
N LYS A 78 -7.61 -14.49 8.38
CA LYS A 78 -8.83 -13.99 8.97
C LYS A 78 -8.60 -12.84 9.93
N SER A 79 -7.36 -12.58 10.32
CA SER A 79 -7.08 -11.57 11.33
C SER A 79 -5.73 -10.93 11.02
N VAL A 80 -5.57 -9.74 11.60
CA VAL A 80 -4.29 -9.03 11.52
C VAL A 80 -3.15 -9.91 12.01
N ASP A 81 -3.32 -10.56 13.17
CA ASP A 81 -2.21 -11.33 13.70
C ASP A 81 -1.90 -12.53 12.81
N GLU A 82 -2.94 -13.19 12.31
CA GLU A 82 -2.73 -14.28 11.36
C GLU A 82 -1.95 -13.76 10.14
N ALA A 83 -2.28 -12.55 9.68
CA ALA A 83 -1.56 -11.98 8.54
C ALA A 83 -0.10 -11.74 8.88
N ILE A 84 0.18 -11.15 10.05
CA ILE A 84 1.57 -10.88 10.42
C ILE A 84 2.35 -12.19 10.49
N ALA A 85 1.71 -13.22 11.04
CA ALA A 85 2.46 -14.43 11.30
C ALA A 85 2.72 -15.20 10.01
N ALA A 86 1.82 -15.08 9.05
CA ALA A 86 1.98 -15.76 7.77
C ALA A 86 3.21 -15.26 7.01
N CYS A 87 3.74 -14.10 7.38
CA CYS A 87 4.88 -13.53 6.66
C CYS A 87 6.18 -14.15 7.07
N GLY A 88 6.25 -14.69 8.27
CA GLY A 88 7.43 -15.39 8.72
C GLY A 88 8.48 -14.46 9.27
N ASP A 89 9.71 -14.97 9.32
CA ASP A 89 10.88 -14.23 9.78
C ASP A 89 11.44 -13.38 8.64
N VAL A 90 10.86 -12.20 8.45
CA VAL A 90 11.35 -11.26 7.43
C VAL A 90 11.57 -9.91 8.11
N PRO A 91 12.41 -9.05 7.51
CA PRO A 91 12.69 -7.74 8.13
C PRO A 91 11.56 -6.76 8.02
N GLU A 92 10.78 -6.80 6.93
CA GLU A 92 9.77 -5.78 6.63
C GLU A 92 8.57 -6.41 5.93
N ILE A 93 7.37 -6.13 6.45
CA ILE A 93 6.11 -6.59 5.89
C ILE A 93 5.42 -5.40 5.23
N MET A 94 4.95 -5.57 3.99
CA MET A 94 4.34 -4.47 3.24
C MET A 94 2.84 -4.65 3.12
N VAL A 95 2.08 -3.73 3.72
CA VAL A 95 0.63 -3.68 3.62
C VAL A 95 0.26 -2.76 2.47
N ILE A 96 -0.40 -3.31 1.44
CA ILE A 96 -0.50 -2.61 0.17
C ILE A 96 -1.89 -2.15 -0.13
N GLY A 97 -2.83 -2.34 0.78
CA GLY A 97 -4.06 -1.65 0.50
C GLY A 97 -5.35 -2.38 0.75
N GLY A 98 -6.42 -1.65 0.43
CA GLY A 98 -7.58 -1.63 1.27
C GLY A 98 -7.41 -0.44 2.19
N GLY A 99 -8.24 0.59 2.04
CA GLY A 99 -8.34 1.59 3.08
C GLY A 99 -8.68 0.97 4.42
N ARG A 100 -9.58 0.01 4.42
CA ARG A 100 -9.91 -0.70 5.66
C ARG A 100 -8.72 -1.51 6.15
N VAL A 101 -7.96 -2.11 5.23
CA VAL A 101 -6.76 -2.82 5.61
C VAL A 101 -5.73 -1.86 6.20
N TYR A 102 -5.51 -0.73 5.54
CA TYR A 102 -4.61 0.30 6.08
C TYR A 102 -5.02 0.65 7.52
N GLU A 103 -6.31 0.86 7.73
CA GLU A 103 -6.77 1.27 9.05
C GLU A 103 -6.41 0.21 10.10
N GLN A 104 -6.47 -1.07 9.73
CA GLN A 104 -6.26 -2.12 10.71
C GLN A 104 -4.79 -2.31 11.07
N PHE A 105 -3.89 -2.05 10.13
CA PHE A 105 -2.45 -2.17 10.37
C PHE A 105 -1.79 -0.90 10.85
N LEU A 106 -2.40 0.27 10.63
CA LEU A 106 -1.73 1.51 11.02
C LEU A 106 -1.19 1.46 12.44
N PRO A 107 -1.92 0.99 13.45
CA PRO A 107 -1.38 1.02 14.82
C PRO A 107 -0.18 0.12 15.00
N LYS A 108 0.00 -0.87 14.14
CA LYS A 108 1.17 -1.74 14.21
C LYS A 108 2.31 -1.33 13.29
N ALA A 109 2.18 -0.22 12.57
CA ALA A 109 3.14 0.14 11.53
C ALA A 109 4.17 1.11 12.07
N GLN A 110 5.43 0.94 11.62
CA GLN A 110 6.53 1.84 11.96
C GLN A 110 6.98 2.69 10.78
N LYS A 111 6.48 2.43 9.57
CA LYS A 111 6.97 3.08 8.37
C LYS A 111 5.82 3.25 7.37
N LEU A 112 5.77 4.41 6.71
CA LEU A 112 4.77 4.67 5.67
C LEU A 112 5.45 5.12 4.39
N TYR A 113 5.06 4.54 3.26
CA TYR A 113 5.50 4.96 1.93
C TYR A 113 4.30 5.58 1.24
N LEU A 114 4.34 6.88 1.01
CA LEU A 114 3.19 7.59 0.45
C LEU A 114 3.58 8.23 -0.86
N THR A 115 2.70 8.12 -1.86
CA THR A 115 2.80 8.87 -3.11
C THR A 115 1.69 9.91 -3.11
N HIS A 116 2.05 11.19 -3.05
CA HIS A 116 1.11 12.29 -3.12
C HIS A 116 0.97 12.69 -4.57
N ILE A 117 -0.21 12.43 -5.14
CA ILE A 117 -0.50 12.70 -6.54
C ILE A 117 -1.32 13.97 -6.63
N ASP A 118 -0.86 14.90 -7.44
CA ASP A 118 -1.59 16.16 -7.62
CA ASP A 118 -1.57 16.16 -7.66
C ASP A 118 -2.70 15.92 -8.65
N ALA A 119 -3.74 15.24 -8.18
CA ALA A 119 -4.92 14.93 -8.98
C ALA A 119 -6.12 14.87 -8.05
N GLU A 120 -7.32 15.00 -8.61
CA GLU A 120 -8.55 14.90 -7.80
C GLU A 120 -9.26 13.60 -8.17
N VAL A 121 -9.68 12.83 -7.17
CA VAL A 121 -10.40 11.55 -7.41
C VAL A 121 -11.67 11.60 -6.56
N GLU A 122 -12.78 11.06 -7.07
CA GLU A 122 -14.08 11.16 -6.36
C GLU A 122 -14.33 9.96 -5.45
N GLY A 123 -13.40 9.00 -5.40
CA GLY A 123 -13.60 7.79 -4.59
C GLY A 123 -13.82 8.13 -3.13
N ASP A 124 -14.66 7.37 -2.42
CA ASP A 124 -15.00 7.73 -1.02
C ASP A 124 -13.99 7.14 -0.03
N THR A 125 -13.04 6.31 -0.49
CA THR A 125 -12.10 5.65 0.45
C THR A 125 -11.02 6.64 0.85
N HIS A 126 -10.74 6.75 2.14
CA HIS A 126 -9.74 7.72 2.64
C HIS A 126 -8.62 7.00 3.38
N PHE A 127 -7.39 7.47 3.25
CA PHE A 127 -6.29 6.90 4.00
C PHE A 127 -6.52 7.22 5.47
N PRO A 128 -6.22 6.29 6.37
CA PRO A 128 -6.49 6.52 7.79
C PRO A 128 -5.68 7.70 8.29
N ASP A 129 -6.19 8.37 9.29
CA ASP A 129 -5.47 9.52 9.83
C ASP A 129 -4.33 9.08 10.75
N TYR A 130 -3.19 9.74 10.59
CA TYR A 130 -2.08 9.55 11.51
C TYR A 130 -1.77 10.84 12.26
N GLU A 131 -1.32 10.66 13.49
CA GLU A 131 -1.02 11.70 14.46
C GLU A 131 0.31 12.33 14.07
N PRO A 132 0.31 13.52 13.45
CA PRO A 132 1.58 14.10 12.98
C PRO A 132 2.68 14.09 14.04
N ASP A 133 2.32 14.25 15.30
CA ASP A 133 3.29 14.29 16.39
C ASP A 133 3.94 12.93 16.66
N ASP A 134 3.37 11.83 16.17
CA ASP A 134 3.98 10.52 16.35
C ASP A 134 4.72 10.05 15.10
N TRP A 135 4.75 10.84 14.03
CA TRP A 135 5.38 10.43 12.79
C TRP A 135 6.38 11.49 12.34
N GLU A 136 7.50 11.03 11.81
CA GLU A 136 8.54 11.90 11.29
C GLU A 136 8.71 11.65 9.81
N SER A 137 8.78 12.72 9.04
CA SER A 137 9.01 12.60 7.61
C SER A 137 10.52 12.55 7.40
N VAL A 138 11.00 11.50 6.74
CA VAL A 138 12.44 11.29 6.59
C VAL A 138 12.89 11.33 5.14
N PHE A 139 11.97 11.32 4.17
CA PHE A 139 12.31 11.37 2.75
C PHE A 139 11.13 11.89 1.94
N SER A 140 11.38 12.85 1.04
CA SER A 140 10.38 13.26 0.08
C SER A 140 11.05 13.58 -1.24
N GLU A 141 10.30 13.34 -2.33
CA GLU A 141 10.86 13.53 -3.69
C GLU A 141 9.77 13.97 -4.66
N PHE A 142 9.84 15.21 -5.14
CA PHE A 142 8.83 15.72 -6.06
C PHE A 142 9.20 15.40 -7.51
N HIS A 143 8.19 15.07 -8.31
CA HIS A 143 8.37 14.92 -9.76
C HIS A 143 7.24 15.65 -10.50
N ASP A 144 7.60 16.38 -11.55
CA ASP A 144 6.57 16.95 -12.41
C ASP A 144 5.89 15.84 -13.21
N ALA A 145 4.73 16.16 -13.81
CA ALA A 145 4.18 15.33 -14.86
C ALA A 145 5.09 15.38 -16.09
N ASP A 146 5.05 14.31 -16.88
CA ASP A 146 5.85 14.26 -18.08
C ASP A 146 5.09 13.42 -19.11
N ALA A 147 5.82 12.91 -20.11
CA ALA A 147 5.18 12.12 -21.14
C ALA A 147 4.44 10.91 -20.56
N GLN A 148 5.05 10.20 -19.60
CA GLN A 148 4.39 8.96 -19.21
C GLN A 148 3.56 9.13 -17.94
N ASN A 149 3.76 10.19 -17.19
CA ASN A 149 3.05 10.43 -15.94
C ASN A 149 2.19 11.66 -16.08
N SER A 150 0.88 11.45 -16.13
CA SER A 150 -0.08 12.49 -16.46
C SER A 150 -0.28 13.49 -15.33
N HIS A 151 0.22 13.21 -14.14
CA HIS A 151 0.11 14.15 -13.03
C HIS A 151 1.44 14.26 -12.34
N SER A 152 1.68 15.41 -11.70
CA SER A 152 2.86 15.49 -10.85
C SER A 152 2.58 14.76 -9.53
N TYR A 153 3.67 14.36 -8.85
CA TYR A 153 3.58 13.47 -7.71
C TYR A 153 4.82 13.65 -6.84
N CYS A 154 4.68 13.33 -5.56
CA CYS A 154 5.77 13.47 -4.59
C CYS A 154 5.82 12.21 -3.73
N PHE A 155 6.91 11.47 -3.82
CA PHE A 155 7.08 10.35 -2.92
C PHE A 155 7.43 10.86 -1.53
N GLU A 156 6.93 10.16 -0.51
CA GLU A 156 7.27 10.49 0.86
C GLU A 156 7.37 9.21 1.68
N ILE A 157 8.36 9.17 2.58
CA ILE A 157 8.50 8.10 3.57
C ILE A 157 8.46 8.72 4.96
N LEU A 158 7.62 8.18 5.83
CA LEU A 158 7.55 8.59 7.22
C LEU A 158 7.91 7.42 8.12
N GLU A 159 8.42 7.70 9.31
CA GLU A 159 8.73 6.67 10.28
C GLU A 159 8.21 7.08 11.65
N ARG A 160 7.74 6.10 12.42
CA ARG A 160 7.19 6.37 13.73
C ARG A 160 8.27 6.81 14.73
N ARG A 161 7.97 7.87 15.47
CA ARG A 161 8.84 8.27 16.55
C ARG A 161 8.70 7.27 17.69
N1 1CY B . 1.01 2.49 -5.68
C2 1CY B . 1.37 2.69 -4.41
N3 1CY B . 0.87 2.07 -3.33
C4 1CY B . 0.16 0.97 -3.55
N5 1CY B . -0.22 0.60 -4.82
C6 1CY B . -0.05 1.52 -5.96
N7 1CY B . 2.33 3.58 -4.15
N8 1CY B . -0.21 0.23 -2.53
C9 1CY B . -1.38 2.23 -6.17
C10 1CY B . 0.33 0.77 -7.23
C11 1CY B . -0.85 -0.66 -5.05
C12 1CY B . -0.13 -1.73 -5.55
C13 1CY B . -0.74 -2.96 -5.77
C14 1CY B . -2.07 -3.10 -5.46
C15 1CY B . -2.80 -2.06 -4.94
C16 1CY B . -2.18 -0.84 -4.74
CL17 1CY B . -2.83 -4.63 -5.74
CAC FLC C . -10.85 -7.59 5.48
CA FLC C . -10.69 -7.54 3.94
CB FLC C . -12.08 -7.25 3.40
CBC FLC C . -12.96 -8.50 3.62
CG FLC C . -12.03 -6.79 1.94
CGC FLC C . -11.22 -5.51 1.73
OA1 FLC C . -11.07 -8.70 6.03
OA2 FLC C . -10.77 -6.54 6.19
OB1 FLC C . -12.73 -9.57 2.98
OB2 FLC C . -13.92 -8.44 4.44
OG1 FLC C . -11.31 -4.56 2.56
OG2 FLC C . -10.46 -5.39 0.73
OHB FLC C . -12.60 -6.22 4.19
#